data_4PFK
#
_entry.id   4PFK
#
_cell.length_a   122.500
_cell.length_b   84.100
_cell.length_c   61.500
_cell.angle_alpha   90.00
_cell.angle_beta   90.00
_cell.angle_gamma   90.00
#
_symmetry.space_group_name_H-M   'I 2 2 2'
#
loop_
_entity.id
_entity.type
_entity.pdbx_description
1 polymer PHOSPHOFRUCTOKINASE
2 non-polymer 6-O-phosphono-beta-D-fructofuranose
3 non-polymer 'MAGNESIUM ION'
4 non-polymer "ADENOSINE-5'-DIPHOSPHATE"
5 water water
#
_entity_poly.entity_id   1
_entity_poly.type   'polypeptide(L)'
_entity_poly.pdbx_seq_one_letter_code
;MKRIGVLTSGGDSPGMNAAIRSVVRKAIYHGVEVYGVYHGYAGLIAGNIKKLEVGDVGDIIHRGGTILYTARCPEFKTEE
GQKKGIEQLKKHGIQGLVVIGGDGSYQGAKKLTEHGFPCVGVPGTIDNDIPGTDFTIGFDTALNTVIDAIDKIRDTATSH
ERTYVIEVMGRHAGDIALWSGLAGGAETILIPEADYDMNDVIARLKRGHERGKKHSIIIVAEGVGSGVDFGRQIQEATGF
ETRVTVLGHVQRGGSPTAFDRVLASRLGARAVELLLEGKGGRCVGIQNNQLVDHDIAEALANKHTIDQRMYALSKELSI
;
_entity_poly.pdbx_strand_id   A
#
# COMPACT_ATOMS: atom_id res chain seq x y z
N MET A 1 11.49 -23.90 14.06
CA MET A 1 12.43 -23.81 12.95
C MET A 1 13.67 -23.05 13.43
N LYS A 2 14.70 -23.13 12.60
CA LYS A 2 15.96 -22.43 13.00
C LYS A 2 16.38 -21.42 11.93
N ARG A 3 15.76 -21.58 10.76
CA ARG A 3 16.13 -20.62 9.69
C ARG A 3 14.93 -20.18 8.86
N ILE A 4 14.75 -18.86 8.72
CA ILE A 4 13.64 -18.32 7.93
C ILE A 4 14.23 -17.37 6.89
N GLY A 5 13.35 -17.04 5.97
CA GLY A 5 13.70 -16.12 4.87
C GLY A 5 12.71 -14.94 4.97
N VAL A 6 13.02 -13.86 4.27
CA VAL A 6 12.17 -12.65 4.25
C VAL A 6 12.39 -12.01 2.89
N LEU A 7 11.35 -11.51 2.27
CA LEU A 7 11.50 -10.87 0.96
C LEU A 7 10.41 -9.81 0.78
N THR A 8 10.65 -8.93 -0.17
CA THR A 8 9.69 -7.86 -0.48
C THR A 8 9.31 -8.02 -1.95
N SER A 9 8.03 -7.99 -2.26
CA SER A 9 7.49 -8.15 -3.61
C SER A 9 6.35 -7.14 -3.84
N GLY A 10 6.11 -6.90 -5.12
CA GLY A 10 5.07 -5.97 -5.55
C GLY A 10 5.73 -4.59 -5.54
N GLY A 11 4.88 -3.58 -5.55
CA GLY A 11 5.41 -2.20 -5.55
C GLY A 11 5.87 -1.92 -4.12
N ASP A 12 6.98 -1.23 -4.03
CA ASP A 12 7.57 -0.85 -2.73
C ASP A 12 6.62 0.14 -2.03
N SER A 13 6.80 0.17 -0.72
CA SER A 13 6.01 1.07 0.11
C SER A 13 6.85 1.52 1.30
N PRO A 14 6.57 2.74 1.77
CA PRO A 14 7.28 3.30 2.92
C PRO A 14 6.94 2.43 4.11
N GLY A 15 7.90 1.89 4.81
CA GLY A 15 7.60 1.04 5.97
C GLY A 15 8.01 -0.42 5.75
N MET A 16 8.39 -0.73 4.52
CA MET A 16 8.87 -2.10 4.21
C MET A 16 10.08 -2.41 5.07
N ASN A 17 11.01 -1.48 5.19
CA ASN A 17 12.23 -1.61 5.99
C ASN A 17 11.92 -1.77 7.47
N ALA A 18 10.92 -1.13 8.02
CA ALA A 18 10.65 -1.30 9.47
C ALA A 18 10.12 -2.73 9.69
N ALA A 19 9.52 -3.26 8.64
CA ALA A 19 8.92 -4.60 8.59
C ALA A 19 10.02 -5.67 8.63
N ILE A 20 10.93 -5.48 7.69
CA ILE A 20 12.16 -6.30 7.50
C ILE A 20 12.92 -6.37 8.83
N ARG A 21 13.06 -5.18 9.39
CA ARG A 21 13.70 -4.96 10.68
C ARG A 21 13.02 -5.72 11.82
N SER A 22 11.70 -5.84 11.95
CA SER A 22 11.04 -6.56 13.06
C SER A 22 11.13 -8.07 12.78
N VAL A 23 10.99 -8.43 11.50
CA VAL A 23 11.14 -9.88 11.19
C VAL A 23 12.55 -10.35 11.64
N VAL A 24 13.54 -9.53 11.23
CA VAL A 24 14.93 -9.83 11.56
C VAL A 24 15.17 -9.84 13.08
N ARG A 25 14.71 -8.80 13.74
CA ARG A 25 14.94 -8.75 15.20
C ARG A 25 14.06 -9.78 15.90
N LYS A 26 12.80 -9.82 15.52
CA LYS A 26 11.91 -10.80 16.17
C LYS A 26 12.52 -12.19 16.08
N ALA A 27 12.92 -12.65 14.91
CA ALA A 27 13.50 -13.99 14.70
C ALA A 27 14.74 -14.26 15.54
N ILE A 28 15.68 -13.34 15.61
CA ILE A 28 16.93 -13.47 16.37
C ILE A 28 16.70 -13.50 17.87
N TYR A 29 15.73 -12.75 18.37
CA TYR A 29 15.41 -12.69 19.79
C TYR A 29 15.06 -14.12 20.30
N HIS A 30 14.48 -14.79 19.32
CA HIS A 30 13.98 -16.14 19.37
C HIS A 30 15.02 -17.15 19.00
N GLY A 31 16.21 -16.71 18.74
CA GLY A 31 17.36 -17.53 18.37
C GLY A 31 17.29 -18.15 16.98
N VAL A 32 16.34 -17.68 16.18
CA VAL A 32 16.19 -18.22 14.81
C VAL A 32 17.09 -17.37 13.93
N GLU A 33 17.57 -17.87 12.82
CA GLU A 33 18.43 -17.08 11.94
C GLU A 33 17.61 -16.61 10.74
N VAL A 34 17.91 -15.41 10.27
CA VAL A 34 17.20 -14.82 9.13
C VAL A 34 18.08 -14.61 7.91
N TYR A 35 17.50 -14.97 6.79
CA TYR A 35 18.05 -14.91 5.45
C TYR A 35 17.18 -13.94 4.67
N GLY A 36 17.86 -13.15 3.86
CA GLY A 36 17.20 -12.16 3.02
C GLY A 36 17.17 -12.63 1.58
N VAL A 37 16.06 -12.44 0.91
CA VAL A 37 15.95 -12.79 -0.50
C VAL A 37 15.92 -11.40 -1.17
N TYR A 38 16.80 -11.18 -2.12
CA TYR A 38 16.91 -9.90 -2.84
C TYR A 38 16.18 -9.98 -4.17
N HIS A 39 15.48 -8.93 -4.54
CA HIS A 39 14.73 -8.95 -5.80
C HIS A 39 13.49 -9.79 -5.77
N GLY A 40 12.91 -9.96 -4.59
CA GLY A 40 11.66 -10.70 -4.42
C GLY A 40 11.69 -12.10 -5.03
N TYR A 41 10.60 -12.50 -5.65
CA TYR A 41 10.49 -13.83 -6.24
C TYR A 41 11.58 -14.13 -7.26
N ALA A 42 11.88 -13.12 -8.04
CA ALA A 42 12.92 -13.22 -9.08
C ALA A 42 14.27 -13.70 -8.58
N GLY A 43 14.66 -13.19 -7.42
CA GLY A 43 15.97 -13.52 -6.83
C GLY A 43 15.81 -14.75 -5.97
N LEU A 44 14.57 -15.16 -5.80
CA LEU A 44 14.34 -16.38 -5.00
C LEU A 44 14.84 -17.53 -5.91
N ILE A 45 14.37 -17.46 -7.12
CA ILE A 45 14.73 -18.43 -8.16
C ILE A 45 16.22 -18.42 -8.49
N ALA A 46 16.78 -17.23 -8.66
CA ALA A 46 18.17 -16.96 -8.98
C ALA A 46 19.12 -17.23 -7.82
N GLY A 47 18.58 -17.55 -6.66
CA GLY A 47 19.25 -17.81 -5.40
C GLY A 47 19.98 -16.61 -4.80
N ASN A 48 19.44 -15.43 -4.98
CA ASN A 48 20.03 -14.17 -4.46
C ASN A 48 19.70 -14.07 -2.99
N ILE A 49 20.25 -14.91 -2.15
CA ILE A 49 20.01 -15.00 -0.71
C ILE A 49 21.22 -14.76 0.18
N LYS A 50 21.17 -13.82 1.12
CA LYS A 50 22.23 -13.47 2.06
C LYS A 50 21.69 -13.51 3.49
N LYS A 51 22.50 -13.90 4.44
CA LYS A 51 22.13 -13.95 5.86
C LYS A 51 22.04 -12.48 6.33
N LEU A 52 21.09 -12.19 7.20
CA LEU A 52 20.90 -10.86 7.78
C LEU A 52 21.27 -11.02 9.26
N GLU A 53 22.18 -10.16 9.67
CA GLU A 53 22.72 -10.09 11.03
C GLU A 53 21.97 -8.97 11.74
N VAL A 54 21.93 -9.03 13.05
CA VAL A 54 21.24 -8.06 13.89
C VAL A 54 21.40 -6.61 13.48
N GLY A 55 22.58 -6.17 13.09
CA GLY A 55 22.97 -4.84 12.69
C GLY A 55 22.82 -4.40 11.26
N ASP A 56 22.45 -5.33 10.42
CA ASP A 56 22.23 -5.08 8.99
C ASP A 56 20.91 -4.32 8.83
N VAL A 57 20.09 -4.37 9.88
CA VAL A 57 18.76 -3.75 9.93
C VAL A 57 18.75 -2.52 10.84
N GLY A 58 19.97 -2.20 11.27
CA GLY A 58 20.19 -1.02 12.10
C GLY A 58 20.12 0.08 11.00
N ASP A 59 19.59 1.21 11.44
CA ASP A 59 19.47 2.40 10.60
C ASP A 59 18.70 2.41 9.30
N ILE A 60 17.67 1.58 9.31
CA ILE A 60 16.73 1.45 8.19
C ILE A 60 15.31 1.80 8.70
N ILE A 61 15.11 1.82 10.01
CA ILE A 61 13.71 2.09 10.43
C ILE A 61 13.04 3.27 9.78
N HIS A 62 13.71 4.40 9.72
CA HIS A 62 13.17 5.65 9.14
C HIS A 62 13.23 5.74 7.64
N ARG A 63 13.75 4.77 6.93
CA ARG A 63 13.86 4.83 5.47
C ARG A 63 12.75 4.25 4.62
N GLY A 64 12.53 4.83 3.49
CA GLY A 64 11.58 4.43 2.47
C GLY A 64 12.15 3.28 1.64
N GLY A 65 11.37 2.79 0.69
CA GLY A 65 11.79 1.70 -0.18
C GLY A 65 12.06 0.44 0.67
N THR A 66 12.74 -0.49 0.00
CA THR A 66 13.13 -1.75 0.63
C THR A 66 14.59 -2.04 0.35
N ILE A 67 15.34 -2.27 1.41
CA ILE A 67 16.75 -2.62 1.25
C ILE A 67 16.93 -3.99 0.57
N LEU A 68 15.92 -4.82 0.42
CA LEU A 68 16.06 -6.15 -0.20
C LEU A 68 15.68 -6.01 -1.68
N TYR A 69 15.20 -4.84 -2.09
CA TYR A 69 14.78 -4.64 -3.49
C TYR A 69 13.51 -5.48 -3.72
N THR A 70 12.99 -5.30 -4.91
CA THR A 70 11.76 -5.95 -5.35
C THR A 70 11.82 -6.06 -6.88
N ALA A 71 11.17 -7.10 -7.35
CA ALA A 71 11.13 -7.38 -8.80
C ALA A 71 9.87 -8.16 -9.14
N ARG A 72 9.55 -8.08 -10.42
CA ARG A 72 8.40 -8.76 -11.00
C ARG A 72 8.90 -10.10 -11.56
N CYS A 73 8.38 -11.22 -11.06
CA CYS A 73 8.76 -12.57 -11.50
C CYS A 73 7.58 -13.36 -12.06
N PRO A 74 7.37 -13.23 -13.36
CA PRO A 74 6.30 -13.93 -14.08
C PRO A 74 6.66 -15.39 -14.32
N GLU A 75 7.83 -15.83 -13.91
CA GLU A 75 8.35 -17.19 -14.04
C GLU A 75 8.00 -17.96 -12.75
N PHE A 76 7.48 -17.25 -11.75
CA PHE A 76 7.13 -17.85 -10.44
C PHE A 76 5.69 -18.35 -10.44
N LYS A 77 5.00 -18.02 -11.50
CA LYS A 77 3.60 -18.41 -11.73
C LYS A 77 3.57 -19.89 -12.16
N THR A 78 4.66 -20.28 -12.78
CA THR A 78 5.06 -21.53 -13.34
C THR A 78 5.46 -22.52 -12.26
N GLU A 79 5.12 -23.77 -12.54
CA GLU A 79 5.41 -24.91 -11.65
C GLU A 79 6.93 -24.93 -11.44
N GLU A 80 7.60 -24.98 -12.58
CA GLU A 80 9.07 -25.02 -12.67
C GLU A 80 9.69 -23.96 -11.76
N GLY A 81 9.12 -22.77 -11.90
CA GLY A 81 9.45 -21.54 -11.18
C GLY A 81 9.37 -21.79 -9.67
N GLN A 82 8.18 -22.23 -9.27
CA GLN A 82 7.99 -22.52 -7.84
C GLN A 82 8.92 -23.67 -7.43
N LYS A 83 9.31 -24.49 -8.39
CA LYS A 83 10.21 -25.63 -8.08
C LYS A 83 11.64 -25.15 -7.80
N LYS A 84 12.10 -24.38 -8.78
CA LYS A 84 13.44 -23.77 -8.78
C LYS A 84 13.68 -22.93 -7.52
N GLY A 85 12.63 -22.18 -7.16
CA GLY A 85 12.68 -21.31 -5.99
C GLY A 85 12.65 -22.18 -4.74
N ILE A 86 11.79 -23.19 -4.79
CA ILE A 86 11.69 -24.11 -3.62
C ILE A 86 13.03 -24.82 -3.36
N GLU A 87 13.75 -25.08 -4.43
CA GLU A 87 15.05 -25.74 -4.41
C GLU A 87 16.10 -24.87 -3.73
N GLN A 88 15.98 -23.59 -4.10
CA GLN A 88 16.89 -22.55 -3.61
C GLN A 88 16.74 -22.38 -2.10
N LEU A 89 15.51 -22.53 -1.65
CA LEU A 89 15.29 -22.39 -0.21
C LEU A 89 16.00 -23.51 0.55
N LYS A 90 15.79 -24.71 0.04
CA LYS A 90 16.34 -25.94 0.63
C LYS A 90 17.87 -25.95 0.55
N LYS A 91 18.34 -25.53 -0.63
CA LYS A 91 19.80 -25.45 -0.81
C LYS A 91 20.37 -24.61 0.32
N HIS A 92 19.64 -23.58 0.74
CA HIS A 92 20.12 -22.71 1.84
C HIS A 92 19.70 -23.13 3.23
N GLY A 93 18.82 -24.11 3.28
CA GLY A 93 18.31 -24.64 4.56
C GLY A 93 17.25 -23.75 5.21
N ILE A 94 16.57 -23.00 4.38
CA ILE A 94 15.55 -22.06 4.83
C ILE A 94 14.22 -22.82 4.91
N GLN A 95 13.65 -22.79 6.09
CA GLN A 95 12.38 -23.48 6.33
C GLN A 95 11.11 -22.67 6.24
N GLY A 96 11.14 -21.39 6.53
CA GLY A 96 9.94 -20.54 6.50
C GLY A 96 10.21 -19.28 5.70
N LEU A 97 9.13 -18.64 5.33
CA LEU A 97 9.24 -17.41 4.55
C LEU A 97 8.25 -16.32 4.93
N VAL A 98 8.84 -15.15 5.22
CA VAL A 98 7.97 -13.98 5.52
C VAL A 98 8.01 -13.24 4.16
N VAL A 99 6.82 -12.98 3.68
CA VAL A 99 6.71 -12.27 2.40
C VAL A 99 5.98 -10.95 2.71
N ILE A 100 6.60 -9.81 2.50
CA ILE A 100 5.99 -8.50 2.71
C ILE A 100 5.57 -7.99 1.32
N GLY A 101 4.32 -7.68 1.04
CA GLY A 101 3.96 -7.23 -0.30
C GLY A 101 2.45 -7.16 -0.55
N GLY A 102 2.16 -7.06 -1.84
CA GLY A 102 0.82 -6.95 -2.39
C GLY A 102 0.04 -8.25 -2.43
N ASP A 103 -1.09 -8.16 -3.12
CA ASP A 103 -1.96 -9.37 -3.24
C ASP A 103 -1.31 -10.35 -4.23
N GLY A 104 -0.73 -9.76 -5.27
CA GLY A 104 -0.04 -10.56 -6.31
C GLY A 104 0.95 -11.50 -5.61
N SER A 105 1.60 -10.85 -4.67
CA SER A 105 2.65 -11.43 -3.83
C SER A 105 2.10 -12.48 -2.90
N TYR A 106 0.96 -12.24 -2.28
CA TYR A 106 0.31 -13.19 -1.38
C TYR A 106 -0.02 -14.51 -2.11
N GLN A 107 -0.33 -14.39 -3.39
CA GLN A 107 -0.65 -15.52 -4.25
C GLN A 107 0.50 -16.55 -4.35
N GLY A 108 1.71 -16.03 -4.29
CA GLY A 108 2.95 -16.80 -4.39
C GLY A 108 3.31 -17.43 -3.07
N ALA A 109 2.87 -16.79 -2.01
CA ALA A 109 3.09 -17.24 -0.61
C ALA A 109 2.22 -18.50 -0.43
N LYS A 110 1.05 -18.43 -1.06
CA LYS A 110 0.03 -19.46 -1.10
C LYS A 110 0.57 -20.69 -1.84
N LYS A 111 1.00 -20.54 -3.07
CA LYS A 111 1.58 -21.56 -3.93
C LYS A 111 2.76 -22.21 -3.21
N LEU A 112 3.44 -21.46 -2.38
CA LEU A 112 4.58 -22.00 -1.65
C LEU A 112 4.21 -22.93 -0.50
N THR A 113 3.12 -22.62 0.18
CA THR A 113 2.68 -23.46 1.34
C THR A 113 2.14 -24.80 0.80
N GLU A 114 1.37 -24.72 -0.26
CA GLU A 114 0.77 -25.82 -1.01
C GLU A 114 1.98 -26.73 -1.34
N HIS A 115 3.15 -26.25 -1.70
CA HIS A 115 4.25 -27.19 -1.96
C HIS A 115 5.06 -27.42 -0.68
N GLY A 116 4.51 -27.14 0.48
CA GLY A 116 5.22 -27.35 1.73
C GLY A 116 6.07 -26.32 2.44
N PHE A 117 6.11 -25.11 1.90
CA PHE A 117 6.87 -24.02 2.53
C PHE A 117 5.98 -23.06 3.32
N PRO A 118 6.09 -23.15 4.62
CA PRO A 118 5.33 -22.23 5.48
C PRO A 118 5.73 -20.78 5.15
N CYS A 119 4.75 -19.96 4.83
CA CYS A 119 4.80 -18.57 4.51
C CYS A 119 3.65 -17.76 5.17
N VAL A 120 4.05 -16.55 5.50
CA VAL A 120 3.13 -15.55 6.08
C VAL A 120 3.38 -14.28 5.25
N GLY A 121 2.27 -13.69 4.86
CA GLY A 121 2.21 -12.45 4.06
C GLY A 121 2.02 -11.31 5.05
N VAL A 122 2.68 -10.23 4.77
CA VAL A 122 2.73 -8.91 5.47
C VAL A 122 2.27 -7.93 4.39
N PRO A 123 1.18 -7.22 4.67
CA PRO A 123 0.58 -6.28 3.70
C PRO A 123 1.42 -5.02 3.51
N GLY A 124 2.07 -4.93 2.36
CA GLY A 124 2.91 -3.80 2.03
C GLY A 124 2.52 -3.25 0.66
N THR A 125 1.77 -2.17 0.66
CA THR A 125 1.25 -1.46 -0.51
C THR A 125 0.81 -0.07 0.02
N ILE A 126 0.82 0.93 -0.84
CA ILE A 126 0.40 2.27 -0.43
C ILE A 126 -1.12 2.44 -0.66
N ASP A 127 -1.65 1.52 -1.45
CA ASP A 127 -3.02 1.43 -1.91
C ASP A 127 -4.07 1.11 -0.87
N ASN A 128 -3.73 0.36 0.16
CA ASN A 128 -4.65 -0.08 1.22
C ASN A 128 -5.66 -1.13 0.71
N ASP A 129 -5.40 -1.72 -0.44
CA ASP A 129 -6.27 -2.70 -1.07
C ASP A 129 -5.77 -4.12 -0.85
N ILE A 130 -5.78 -4.52 0.40
CA ILE A 130 -5.36 -5.88 0.77
C ILE A 130 -6.41 -6.29 1.80
N PRO A 131 -6.99 -7.45 1.54
CA PRO A 131 -8.00 -8.07 2.40
C PRO A 131 -7.30 -8.66 3.62
N GLY A 132 -8.05 -8.64 4.72
CA GLY A 132 -7.54 -9.14 5.99
C GLY A 132 -6.96 -8.02 6.87
N THR A 133 -6.87 -6.82 6.30
CA THR A 133 -6.29 -5.68 7.03
C THR A 133 -7.04 -4.37 6.80
N ASP A 134 -7.24 -3.57 7.80
CA ASP A 134 -7.92 -2.25 7.66
C ASP A 134 -7.04 -1.25 6.90
N PHE A 135 -5.81 -1.39 7.34
CA PHE A 135 -4.60 -0.70 6.96
C PHE A 135 -3.43 -1.58 6.54
N THR A 136 -2.83 -1.22 5.42
CA THR A 136 -1.64 -1.79 4.80
C THR A 136 -0.43 -0.89 5.13
N ILE A 137 0.76 -1.48 5.22
CA ILE A 137 1.99 -0.72 5.52
C ILE A 137 2.35 0.23 4.37
N GLY A 138 2.40 1.53 4.67
CA GLY A 138 2.76 2.52 3.64
C GLY A 138 1.60 3.43 3.25
N PHE A 139 0.38 3.05 3.55
CA PHE A 139 -0.81 3.85 3.26
C PHE A 139 -0.80 5.19 4.03
N ASP A 140 -0.48 5.17 5.32
CA ASP A 140 -0.47 6.39 6.13
C ASP A 140 0.54 7.40 5.54
N THR A 141 1.67 6.84 5.13
CA THR A 141 2.74 7.59 4.53
C THR A 141 2.27 8.25 3.24
N ALA A 142 1.68 7.55 2.33
CA ALA A 142 1.19 8.05 1.04
C ALA A 142 0.17 9.18 1.20
N LEU A 143 -0.62 9.01 2.23
CA LEU A 143 -1.70 9.92 2.61
C LEU A 143 -1.13 11.29 2.97
N ASN A 144 -0.15 11.17 3.84
CA ASN A 144 0.54 12.39 4.31
C ASN A 144 1.28 12.97 3.11
N THR A 145 1.80 12.20 2.19
CA THR A 145 2.51 12.72 1.03
C THR A 145 1.52 13.52 0.19
N VAL A 146 0.36 12.92 -0.01
CA VAL A 146 -0.69 13.60 -0.81
C VAL A 146 -1.23 14.89 -0.17
N ILE A 147 -1.55 14.92 1.10
CA ILE A 147 -2.12 16.14 1.71
C ILE A 147 -1.07 17.25 1.78
N ASP A 148 0.14 16.77 1.64
CA ASP A 148 1.33 17.67 1.66
C ASP A 148 1.20 18.41 0.31
N ALA A 149 0.82 17.63 -0.70
CA ALA A 149 0.66 18.20 -2.06
C ALA A 149 -0.56 19.13 -2.10
N ILE A 150 -1.67 18.64 -1.61
CA ILE A 150 -2.91 19.41 -1.57
C ILE A 150 -2.68 20.73 -0.82
N ASP A 151 -1.96 20.63 0.30
CA ASP A 151 -1.76 21.85 1.10
C ASP A 151 -1.12 22.92 0.23
N LYS A 152 -0.16 22.48 -0.54
CA LYS A 152 0.60 23.37 -1.44
C LYS A 152 -0.21 23.92 -2.60
N ILE A 153 -1.01 23.00 -3.14
CA ILE A 153 -1.88 23.32 -4.25
C ILE A 153 -2.97 24.30 -3.83
N ARG A 154 -3.34 24.20 -2.57
CA ARG A 154 -4.41 25.09 -2.07
C ARG A 154 -3.89 26.51 -2.04
N ASP A 155 -2.65 26.71 -1.65
CA ASP A 155 -2.00 28.03 -1.60
C ASP A 155 -2.00 28.72 -2.96
N THR A 156 -1.58 27.96 -3.95
CA THR A 156 -1.47 28.52 -5.31
C THR A 156 -2.87 28.77 -5.89
N ALA A 157 -3.73 27.78 -5.60
CA ALA A 157 -5.11 27.82 -6.06
C ALA A 157 -5.92 28.95 -5.44
N THR A 158 -5.70 29.30 -4.21
CA THR A 158 -6.40 30.41 -3.55
C THR A 158 -5.91 31.72 -4.21
N SER A 159 -4.58 31.80 -4.33
CA SER A 159 -3.89 32.94 -4.91
C SER A 159 -4.53 33.44 -6.20
N HIS A 160 -4.67 32.59 -7.18
CA HIS A 160 -5.23 32.80 -8.50
C HIS A 160 -6.69 32.43 -8.68
N GLU A 161 -7.37 32.08 -7.61
CA GLU A 161 -8.78 31.65 -7.61
C GLU A 161 -9.02 30.64 -8.72
N ARG A 162 -8.37 29.48 -8.66
CA ARG A 162 -8.49 28.42 -9.66
C ARG A 162 -8.96 27.08 -9.11
N THR A 163 -9.32 26.24 -10.07
CA THR A 163 -9.76 24.88 -9.79
C THR A 163 -8.69 23.86 -10.15
N TYR A 164 -8.41 22.99 -9.18
CA TYR A 164 -7.40 21.96 -9.42
C TYR A 164 -7.93 20.54 -9.34
N VAL A 165 -7.57 19.79 -10.36
CA VAL A 165 -7.86 18.37 -10.48
C VAL A 165 -6.48 17.75 -10.14
N ILE A 166 -6.50 16.95 -9.07
CA ILE A 166 -5.37 16.24 -8.53
C ILE A 166 -5.59 14.72 -8.67
N GLU A 167 -4.70 14.08 -9.40
CA GLU A 167 -4.77 12.64 -9.61
C GLU A 167 -3.79 11.97 -8.65
N VAL A 168 -4.29 11.08 -7.84
CA VAL A 168 -3.64 10.29 -6.82
C VAL A 168 -3.61 8.83 -7.29
N MET A 169 -2.76 8.05 -6.63
CA MET A 169 -2.60 6.62 -6.92
C MET A 169 -3.75 5.86 -6.23
N GLY A 170 -3.74 4.57 -6.45
CA GLY A 170 -4.76 3.62 -5.94
C GLY A 170 -5.49 3.22 -7.24
N ARG A 171 -4.87 2.19 -7.81
CA ARG A 171 -5.32 1.62 -9.08
C ARG A 171 -6.77 1.19 -9.13
N HIS A 172 -7.22 0.46 -8.13
CA HIS A 172 -8.57 -0.06 -8.02
C HIS A 172 -9.23 0.29 -6.70
N ALA A 173 -8.54 0.94 -5.81
CA ALA A 173 -9.06 1.33 -4.48
C ALA A 173 -9.14 2.82 -4.34
N GLY A 174 -10.10 3.38 -3.65
CA GLY A 174 -10.28 4.82 -3.48
C GLY A 174 -9.84 5.35 -2.14
N ASP A 175 -9.16 4.57 -1.35
CA ASP A 175 -8.68 4.94 -0.02
C ASP A 175 -7.87 6.23 -0.02
N ILE A 176 -6.82 6.29 -0.84
CA ILE A 176 -5.91 7.44 -0.91
C ILE A 176 -6.73 8.69 -1.23
N ALA A 177 -7.43 8.66 -2.33
CA ALA A 177 -8.35 9.73 -2.75
C ALA A 177 -9.42 10.11 -1.72
N LEU A 178 -10.01 9.13 -1.06
CA LEU A 178 -11.04 9.37 -0.05
C LEU A 178 -10.50 10.01 1.22
N TRP A 179 -9.52 9.41 1.86
CA TRP A 179 -8.98 9.99 3.10
C TRP A 179 -8.30 11.32 2.76
N SER A 180 -7.63 11.34 1.58
CA SER A 180 -6.93 12.59 1.17
C SER A 180 -7.89 13.76 1.00
N GLY A 181 -8.88 13.46 0.16
CA GLY A 181 -9.93 14.44 -0.15
C GLY A 181 -10.54 15.02 1.14
N LEU A 182 -10.78 14.11 2.09
CA LEU A 182 -11.37 14.53 3.36
C LEU A 182 -10.44 15.39 4.20
N ALA A 183 -9.22 14.88 4.38
CA ALA A 183 -8.20 15.58 5.18
C ALA A 183 -7.82 16.91 4.53
N GLY A 184 -7.95 16.95 3.20
CA GLY A 184 -7.61 18.11 2.39
C GLY A 184 -8.67 19.14 2.11
N GLY A 185 -9.87 18.94 2.66
CA GLY A 185 -10.97 19.90 2.42
C GLY A 185 -11.36 19.92 0.96
N ALA A 186 -11.22 18.85 0.23
CA ALA A 186 -11.56 18.76 -1.20
C ALA A 186 -13.05 19.00 -1.41
N GLU A 187 -13.38 19.48 -2.60
CA GLU A 187 -14.77 19.78 -2.98
C GLU A 187 -15.51 18.67 -3.73
N THR A 188 -14.75 17.71 -4.19
CA THR A 188 -15.17 16.53 -4.93
C THR A 188 -14.12 15.43 -4.73
N ILE A 189 -14.55 14.21 -4.63
CA ILE A 189 -13.74 12.99 -4.47
C ILE A 189 -14.40 11.98 -5.44
N LEU A 190 -13.69 11.59 -6.47
CA LEU A 190 -14.22 10.63 -7.44
C LEU A 190 -13.46 9.34 -7.12
N ILE A 191 -14.18 8.36 -6.59
CA ILE A 191 -13.52 7.09 -6.28
C ILE A 191 -14.28 6.03 -7.12
N PRO A 192 -13.61 4.88 -7.23
CA PRO A 192 -14.14 3.74 -7.99
C PRO A 192 -15.38 3.07 -7.43
N GLU A 193 -15.40 2.90 -6.13
CA GLU A 193 -16.40 2.28 -5.31
C GLU A 193 -17.70 3.05 -5.13
N ALA A 194 -17.78 4.29 -5.60
CA ALA A 194 -18.97 5.11 -5.48
C ALA A 194 -19.35 5.63 -6.86
N ASP A 195 -20.65 5.85 -6.98
CA ASP A 195 -21.19 6.38 -8.24
C ASP A 195 -21.11 7.91 -8.01
N TYR A 196 -20.85 8.55 -9.11
CA TYR A 196 -20.76 10.01 -9.20
C TYR A 196 -21.59 10.32 -10.45
N ASP A 197 -22.11 11.52 -10.46
CA ASP A 197 -22.90 12.04 -11.59
C ASP A 197 -22.21 13.41 -11.82
N MET A 198 -21.62 13.46 -13.00
CA MET A 198 -20.85 14.61 -13.46
C MET A 198 -21.64 15.90 -13.46
N ASN A 199 -22.93 15.79 -13.66
CA ASN A 199 -23.81 16.97 -13.66
C ASN A 199 -23.97 17.48 -12.23
N ASP A 200 -24.07 16.56 -11.29
CA ASP A 200 -24.24 16.92 -9.86
C ASP A 200 -22.94 17.52 -9.30
N VAL A 201 -21.87 16.92 -9.81
CA VAL A 201 -20.51 17.31 -9.44
C VAL A 201 -20.34 18.76 -9.87
N ILE A 202 -20.85 19.05 -11.06
CA ILE A 202 -20.72 20.39 -11.63
C ILE A 202 -21.57 21.40 -10.84
N ALA A 203 -22.79 21.00 -10.64
CA ALA A 203 -23.76 21.79 -9.89
C ALA A 203 -23.16 22.16 -8.54
N ARG A 204 -22.64 21.13 -7.88
CA ARG A 204 -22.05 21.39 -6.53
C ARG A 204 -20.90 22.37 -6.60
N LEU A 205 -20.02 22.32 -7.61
CA LEU A 205 -18.86 23.21 -7.77
C LEU A 205 -19.31 24.66 -7.96
N LYS A 206 -20.18 24.81 -8.93
CA LYS A 206 -20.81 26.11 -9.27
C LYS A 206 -21.39 26.80 -8.03
N ARG A 207 -22.19 26.03 -7.31
CA ARG A 207 -22.85 26.46 -6.07
C ARG A 207 -21.80 26.88 -5.04
N GLY A 208 -20.65 26.24 -4.95
CA GLY A 208 -19.66 26.64 -3.93
C GLY A 208 -18.97 27.96 -4.32
N HIS A 209 -18.79 28.05 -5.62
CA HIS A 209 -18.14 29.22 -6.23
C HIS A 209 -18.97 30.47 -5.93
N GLU A 210 -20.27 30.33 -6.23
CA GLU A 210 -21.23 31.41 -6.01
C GLU A 210 -21.32 31.85 -4.56
N ARG A 211 -21.22 30.87 -3.70
CA ARG A 211 -21.23 31.04 -2.24
C ARG A 211 -19.91 31.62 -1.75
N GLY A 212 -19.07 32.11 -2.67
CA GLY A 212 -17.79 32.74 -2.46
C GLY A 212 -16.46 32.08 -2.22
N LYS A 213 -16.35 30.79 -2.52
CA LYS A 213 -15.14 30.00 -2.38
C LYS A 213 -14.15 30.51 -3.45
N LYS A 214 -12.94 30.74 -2.97
CA LYS A 214 -11.83 31.21 -3.81
C LYS A 214 -11.38 30.06 -4.71
N HIS A 215 -10.75 29.04 -4.16
CA HIS A 215 -10.33 27.90 -4.98
C HIS A 215 -11.43 26.81 -5.04
N SER A 216 -11.03 25.69 -5.61
CA SER A 216 -11.79 24.46 -5.77
C SER A 216 -10.80 23.29 -5.95
N ILE A 217 -10.83 22.24 -5.13
CA ILE A 217 -9.93 21.09 -5.24
C ILE A 217 -10.70 19.79 -5.52
N ILE A 218 -10.36 19.12 -6.59
CA ILE A 218 -10.93 17.86 -7.02
C ILE A 218 -9.88 16.74 -7.03
N ILE A 219 -10.12 15.69 -6.29
CA ILE A 219 -9.33 14.47 -6.11
C ILE A 219 -9.99 13.38 -6.96
N VAL A 220 -9.16 12.77 -7.78
CA VAL A 220 -9.59 11.70 -8.68
C VAL A 220 -8.63 10.52 -8.48
N ALA A 221 -9.16 9.38 -8.07
CA ALA A 221 -8.34 8.16 -7.90
C ALA A 221 -7.95 7.73 -9.32
N GLU A 222 -6.71 7.39 -9.58
CA GLU A 222 -6.35 6.97 -10.94
C GLU A 222 -7.32 5.91 -11.47
N GLY A 223 -7.85 5.13 -10.53
CA GLY A 223 -8.82 4.06 -10.82
C GLY A 223 -10.05 4.47 -11.59
N VAL A 224 -10.46 5.72 -11.46
CA VAL A 224 -11.66 6.26 -12.12
C VAL A 224 -11.41 6.68 -13.57
N GLY A 225 -10.28 7.29 -13.78
CA GLY A 225 -9.89 7.76 -15.13
C GLY A 225 -8.78 8.80 -14.93
N SER A 226 -8.56 9.58 -15.96
CA SER A 226 -7.49 10.58 -15.96
C SER A 226 -7.80 12.00 -15.49
N GLY A 227 -6.85 12.53 -14.73
CA GLY A 227 -6.95 13.86 -14.15
C GLY A 227 -7.18 14.85 -15.30
N VAL A 228 -6.59 14.51 -16.45
CA VAL A 228 -6.71 15.39 -17.61
C VAL A 228 -8.10 15.38 -18.22
N ASP A 229 -8.78 14.24 -18.18
CA ASP A 229 -10.12 14.18 -18.76
C ASP A 229 -11.12 14.94 -17.86
N PHE A 230 -10.98 14.76 -16.56
CA PHE A 230 -11.88 15.45 -15.62
C PHE A 230 -11.58 16.95 -15.70
N GLY A 231 -10.33 17.34 -15.79
CA GLY A 231 -9.97 18.77 -15.89
C GLY A 231 -10.70 19.42 -17.06
N ARG A 232 -10.58 18.76 -18.20
CA ARG A 232 -11.14 19.12 -19.50
C ARG A 232 -12.66 19.29 -19.37
N GLN A 233 -13.29 18.23 -18.89
CA GLN A 233 -14.72 18.14 -18.66
C GLN A 233 -15.21 19.30 -17.78
N ILE A 234 -14.64 19.41 -16.60
CA ILE A 234 -14.97 20.46 -15.65
C ILE A 234 -14.76 21.86 -16.19
N GLN A 235 -13.64 22.11 -16.84
CA GLN A 235 -13.37 23.47 -17.35
C GLN A 235 -14.43 23.80 -18.39
N GLU A 236 -14.70 22.90 -19.27
CA GLU A 236 -15.70 23.11 -20.33
C GLU A 236 -17.06 23.54 -19.81
N ALA A 237 -17.48 22.87 -18.75
CA ALA A 237 -18.77 23.07 -18.09
C ALA A 237 -18.89 24.19 -17.09
N THR A 238 -17.80 24.72 -16.57
CA THR A 238 -17.90 25.79 -15.57
C THR A 238 -17.29 27.10 -16.03
N GLY A 239 -16.36 26.98 -16.98
CA GLY A 239 -15.63 28.13 -17.51
C GLY A 239 -14.60 28.66 -16.49
N PHE A 240 -14.32 27.88 -15.46
CA PHE A 240 -13.38 28.19 -14.40
C PHE A 240 -11.96 27.80 -14.86
N GLU A 241 -11.01 28.64 -14.47
CA GLU A 241 -9.63 28.32 -14.88
C GLU A 241 -9.17 27.16 -14.01
N THR A 242 -8.97 26.09 -14.77
CA THR A 242 -8.53 24.78 -14.29
C THR A 242 -7.10 24.38 -14.61
N ARG A 243 -6.55 23.59 -13.71
CA ARG A 243 -5.21 23.00 -13.76
C ARG A 243 -5.30 21.57 -13.23
N VAL A 244 -4.48 20.69 -13.73
CA VAL A 244 -4.37 19.28 -13.36
C VAL A 244 -2.97 18.95 -12.83
N THR A 245 -2.89 18.16 -11.78
CA THR A 245 -1.65 17.71 -11.18
C THR A 245 -1.72 16.18 -10.99
N VAL A 246 -0.70 15.52 -11.51
CA VAL A 246 -0.62 14.03 -11.37
C VAL A 246 0.52 13.81 -10.38
N LEU A 247 0.18 13.50 -9.14
CA LEU A 247 1.22 13.33 -8.11
C LEU A 247 2.26 12.27 -8.49
N GLY A 248 1.75 11.17 -9.00
CA GLY A 248 2.60 10.04 -9.43
C GLY A 248 3.31 9.35 -8.28
N HIS A 249 4.49 8.87 -8.61
CA HIS A 249 5.36 8.11 -7.73
C HIS A 249 5.90 8.78 -6.50
N VAL A 250 5.80 10.09 -6.31
CA VAL A 250 6.26 10.70 -5.03
C VAL A 250 5.45 10.03 -3.90
N GLN A 251 4.25 9.56 -4.26
CA GLN A 251 3.31 8.85 -3.38
C GLN A 251 3.98 7.62 -2.79
N ARG A 252 4.80 6.94 -3.55
CA ARG A 252 5.54 5.75 -3.18
C ARG A 252 6.78 5.83 -2.31
N GLY A 253 7.41 6.97 -2.14
CA GLY A 253 8.64 7.04 -1.34
C GLY A 253 8.48 7.94 -0.14
N GLY A 254 9.58 8.15 0.55
CA GLY A 254 9.61 8.97 1.76
C GLY A 254 9.88 8.05 2.95
N SER A 255 10.18 8.74 4.00
CA SER A 255 10.45 8.27 5.36
C SER A 255 9.04 8.00 5.89
N PRO A 256 8.79 6.76 6.28
CA PRO A 256 7.48 6.35 6.77
C PRO A 256 7.08 7.14 8.01
N THR A 257 5.79 7.27 8.16
CA THR A 257 5.13 7.96 9.28
C THR A 257 5.17 7.06 10.53
N ALA A 258 4.94 7.71 11.67
CA ALA A 258 4.94 7.01 12.95
C ALA A 258 4.03 5.76 12.86
N PHE A 259 2.77 5.91 12.49
CA PHE A 259 1.84 4.80 12.36
C PHE A 259 2.43 3.67 11.51
N ASP A 260 2.87 4.05 10.33
CA ASP A 260 3.45 3.11 9.37
C ASP A 260 4.64 2.36 10.04
N ARG A 261 5.39 3.12 10.82
CA ARG A 261 6.53 2.51 11.48
C ARG A 261 6.07 1.52 12.57
N VAL A 262 5.05 1.89 13.32
CA VAL A 262 4.53 1.02 14.40
C VAL A 262 3.85 -0.18 13.73
N LEU A 263 2.90 0.14 12.85
CA LEU A 263 2.20 -0.92 12.12
C LEU A 263 3.15 -1.98 11.56
N ALA A 264 4.14 -1.59 10.77
CA ALA A 264 5.11 -2.49 10.15
C ALA A 264 5.89 -3.35 11.18
N SER A 265 6.21 -2.71 12.27
CA SER A 265 6.95 -3.35 13.37
C SER A 265 6.20 -4.54 13.99
N ARG A 266 5.00 -4.25 14.38
CA ARG A 266 4.01 -5.10 15.01
C ARG A 266 3.61 -6.25 14.07
N LEU A 267 3.39 -5.97 12.82
CA LEU A 267 3.01 -7.00 11.86
C LEU A 267 4.18 -7.90 11.48
N GLY A 268 5.34 -7.32 11.27
CA GLY A 268 6.52 -8.08 10.86
C GLY A 268 6.85 -9.01 12.02
N ALA A 269 6.66 -8.61 13.24
CA ALA A 269 6.97 -9.44 14.43
C ALA A 269 6.05 -10.66 14.50
N ARG A 270 4.79 -10.31 14.45
CA ARG A 270 3.63 -11.19 14.48
C ARG A 270 3.84 -12.28 13.43
N ALA A 271 4.29 -11.89 12.26
CA ALA A 271 4.53 -12.85 11.17
C ALA A 271 5.52 -13.90 11.63
N VAL A 272 6.49 -13.49 12.41
CA VAL A 272 7.53 -14.44 12.88
C VAL A 272 6.96 -15.37 13.96
N GLU A 273 6.13 -14.83 14.82
CA GLU A 273 5.49 -15.57 15.89
C GLU A 273 4.69 -16.70 15.25
N LEU A 274 4.13 -16.47 14.08
CA LEU A 274 3.32 -17.48 13.38
C LEU A 274 4.21 -18.58 12.80
N LEU A 275 5.26 -18.25 12.07
CA LEU A 275 6.17 -19.24 11.51
C LEU A 275 6.68 -20.16 12.64
N LEU A 276 7.10 -19.62 13.77
CA LEU A 276 7.61 -20.43 14.88
C LEU A 276 6.55 -21.38 15.45
N GLU A 277 5.36 -20.87 15.63
CA GLU A 277 4.21 -21.62 16.17
C GLU A 277 3.69 -22.61 15.15
N GLY A 278 4.37 -22.72 14.03
CA GLY A 278 4.06 -23.63 12.94
C GLY A 278 2.90 -23.28 12.05
N LYS A 279 2.23 -22.18 12.31
CA LYS A 279 1.11 -21.70 11.46
C LYS A 279 1.75 -21.48 10.10
N GLY A 280 1.00 -21.34 9.04
CA GLY A 280 1.74 -21.19 7.73
C GLY A 280 0.58 -20.97 6.78
N GLY A 281 0.88 -20.39 5.65
CA GLY A 281 -0.24 -20.15 4.71
C GLY A 281 -1.09 -19.03 5.23
N ARG A 282 -0.82 -18.38 6.33
CA ARG A 282 -1.61 -17.24 6.82
C ARG A 282 -1.07 -15.88 6.32
N CYS A 283 -1.86 -14.84 6.51
CA CYS A 283 -1.53 -13.45 6.20
C CYS A 283 -1.89 -12.69 7.48
N VAL A 284 -1.13 -11.67 7.85
CA VAL A 284 -1.39 -10.83 9.05
C VAL A 284 -2.09 -9.50 8.64
N GLY A 285 -2.57 -8.82 9.68
CA GLY A 285 -3.25 -7.53 9.44
C GLY A 285 -3.65 -6.86 10.72
N ILE A 286 -4.43 -5.81 10.58
CA ILE A 286 -4.99 -5.12 11.77
C ILE A 286 -6.47 -4.98 11.42
N GLN A 287 -7.29 -5.46 12.37
CA GLN A 287 -8.75 -5.37 12.19
C GLN A 287 -9.36 -4.89 13.50
N ASN A 288 -10.24 -3.90 13.34
CA ASN A 288 -10.93 -3.30 14.49
C ASN A 288 -9.90 -3.02 15.59
N ASN A 289 -8.77 -2.55 15.06
CA ASN A 289 -7.68 -2.11 15.93
C ASN A 289 -7.03 -3.24 16.73
N GLN A 290 -6.96 -4.42 16.15
CA GLN A 290 -6.34 -5.57 16.80
C GLN A 290 -5.65 -6.37 15.69
N LEU A 291 -4.61 -7.01 16.14
CA LEU A 291 -3.80 -7.86 15.27
C LEU A 291 -4.63 -9.14 15.14
N VAL A 292 -4.78 -9.49 13.90
CA VAL A 292 -5.55 -10.63 13.38
C VAL A 292 -4.60 -11.29 12.34
N ASP A 293 -5.01 -12.48 11.97
CA ASP A 293 -4.35 -13.32 10.97
C ASP A 293 -5.49 -14.19 10.40
N HIS A 294 -5.41 -14.41 9.13
CA HIS A 294 -6.26 -15.16 8.25
C HIS A 294 -5.48 -16.24 7.48
N ASP A 295 -6.24 -16.94 6.69
CA ASP A 295 -5.78 -18.01 5.80
C ASP A 295 -5.63 -17.15 4.54
N ILE A 296 -4.50 -17.26 3.88
CA ILE A 296 -4.33 -16.47 2.66
C ILE A 296 -5.46 -16.76 1.69
N ALA A 297 -5.73 -18.03 1.46
CA ALA A 297 -6.74 -18.50 0.51
C ALA A 297 -8.13 -17.94 0.73
N GLU A 298 -8.42 -17.70 2.00
CA GLU A 298 -9.75 -17.16 2.34
C GLU A 298 -9.80 -15.64 2.39
N ALA A 299 -8.66 -15.04 2.81
CA ALA A 299 -8.60 -13.57 2.85
C ALA A 299 -8.63 -13.13 1.39
N LEU A 300 -8.02 -13.89 0.50
CA LEU A 300 -8.04 -13.50 -0.93
C LEU A 300 -9.45 -13.60 -1.51
N ALA A 301 -10.28 -14.49 -1.01
CA ALA A 301 -11.65 -14.65 -1.53
C ALA A 301 -12.41 -13.33 -1.32
N ASN A 302 -12.25 -12.84 -0.11
CA ASN A 302 -12.84 -11.59 0.39
C ASN A 302 -12.55 -10.42 -0.57
N LYS A 303 -13.32 -9.35 -0.45
CA LYS A 303 -13.22 -8.12 -1.26
C LYS A 303 -12.92 -6.85 -0.45
N HIS A 304 -12.29 -5.91 -1.15
CA HIS A 304 -11.92 -4.62 -0.54
C HIS A 304 -12.99 -3.56 -0.80
N THR A 305 -13.43 -3.02 0.27
CA THR A 305 -14.46 -1.98 0.32
C THR A 305 -13.96 -0.80 1.16
N ILE A 306 -14.67 0.31 1.06
CA ILE A 306 -14.38 1.53 1.82
C ILE A 306 -15.55 1.89 2.74
N ASP A 307 -15.36 2.87 3.60
CA ASP A 307 -16.45 3.30 4.47
C ASP A 307 -17.34 4.22 3.64
N GLN A 308 -18.42 3.73 3.05
CA GLN A 308 -19.31 4.60 2.26
C GLN A 308 -19.77 5.83 3.05
N ARG A 309 -19.97 5.72 4.35
CA ARG A 309 -20.36 6.83 5.24
C ARG A 309 -19.34 7.98 5.28
N MET A 310 -18.06 7.63 5.11
CA MET A 310 -16.93 8.56 5.08
C MET A 310 -17.03 9.38 3.79
N TYR A 311 -17.51 8.73 2.76
CA TYR A 311 -17.70 9.35 1.44
C TYR A 311 -18.81 10.39 1.49
N ALA A 312 -19.84 10.11 2.26
CA ALA A 312 -21.01 10.97 2.49
C ALA A 312 -20.53 12.21 3.25
N LEU A 313 -19.85 11.89 4.34
CA LEU A 313 -19.25 12.93 5.19
C LEU A 313 -18.54 13.94 4.27
N SER A 314 -17.76 13.37 3.36
CA SER A 314 -17.00 14.14 2.34
C SER A 314 -17.86 15.23 1.72
N LYS A 315 -19.01 14.76 1.24
CA LYS A 315 -20.06 15.53 0.59
C LYS A 315 -20.70 16.53 1.55
N GLU A 316 -20.90 16.22 2.81
CA GLU A 316 -21.51 17.18 3.74
C GLU A 316 -20.66 18.33 4.27
N LEU A 317 -19.38 18.05 4.45
CA LEU A 317 -18.42 19.03 4.97
C LEU A 317 -17.88 19.95 3.89
N SER A 318 -18.10 19.63 2.65
CA SER A 318 -17.68 20.31 1.44
C SER A 318 -18.57 21.42 0.93
N ILE A 319 -19.53 21.79 1.73
CA ILE A 319 -20.51 22.85 1.48
C ILE A 319 -19.98 24.27 1.48
#